data_6CQ4
#
_entry.id   6CQ4
#
_cell.length_a   134.604
_cell.length_b   134.604
_cell.length_c   84.505
_cell.angle_alpha   90.000
_cell.angle_beta   90.000
_cell.angle_gamma   120.000
#
_symmetry.space_group_name_H-M   'P 32 2 1'
#
loop_
_entity.id
_entity.type
_entity.pdbx_description
1 polymer 'Serine/threonine-protein kinase TBK1'
2 non-polymer '2-amino-7-(4,4-difluorocyclohexyl)-5-oxo-5H-[1]benzopyrano[2,3-b]pyridine-3-carboxylic acid'
#
_entity_poly.entity_id   1
_entity_poly.type   'polypeptide(L)'
_entity_poly.pdbx_seq_one_letter_code
;SNAMQSTSNHLWLLSDILGQGATANVFRGRHKKTGDLFAIKVFNNISFLRPVDVQMREFEVLKKLNHKNIVKLFAIEEET
TTRHKVLIMEFCPCGSLYTVLEEPSNAYGLPESEFLIVLRDVVGGMNHLRENGIVHRDIKPGNIMRVIGEDGQSVYKLTD
FGAARELEDDEQFVSLYGTEEYLHPDMYERAVLRKDHQKKYGATVDLWSIGVTFYHAATGSLPFRPFEGPRRNKEVMYKI
ITGKPSGAISGVQKAENGPIDWSGDMPVSCSLSRGLQVLLTPVLANILEADQEKCWGFDQFFAETSDILHRMVIHVFSLQ
QMTAHKIYIHSYNTATIFHELVYKQTKIISSNQELIYEGRRLVLEPGRLAQHFPKTTEENPIFVVSREPLNTIGLIYEKI
SLPKVHPRYDLDGDASMAKAITGVVCYACRIASTLLLYQELMRKGIRWLIELIKDDYNETVHKKTEVVITLDFCIRNIEK
TVKVYEKLMKINLEAAELGEISDIHTKLLRLSSSQGTIETSLQDIDSRLSPGGSLADAWAHQEGTHPKDRNVEKLQVLLN
CMTEIYYQFKKDKAERRLAYNEEQIHKFDKQKLYYHATKAMTHFTDECVKKYEAFLNKSEEWIRKMLHLRKQLLSLTNQC
FDIEEEVSKYQEYTNELQET
;
_entity_poly.pdbx_strand_id   A
#
loop_
_chem_comp.id
_chem_comp.type
_chem_comp.name
_chem_comp.formula
F8P non-polymer '2-amino-7-(4,4-difluorocyclohexyl)-5-oxo-5H-[1]benzopyrano[2,3-b]pyridine-3-carboxylic acid' 'C19 H16 F2 N2 O4'
#
# COMPACT_ATOMS: atom_id res chain seq x y z
N ALA A 3 -17.31 9.80 44.81
CA ALA A 3 -17.03 8.51 45.41
C ALA A 3 -16.08 7.71 44.52
N MET A 4 -15.05 7.11 45.13
CA MET A 4 -14.06 6.36 44.37
C MET A 4 -13.22 5.53 45.34
N GLN A 5 -12.55 4.52 44.79
CA GLN A 5 -11.69 3.65 45.56
C GLN A 5 -10.25 4.14 45.50
N SER A 6 -9.46 3.75 46.50
CA SER A 6 -8.09 4.22 46.64
C SER A 6 -7.19 3.09 47.10
N THR A 7 -5.89 3.39 47.16
CA THR A 7 -4.88 2.48 47.65
C THR A 7 -3.84 3.30 48.41
N SER A 8 -2.80 2.61 48.91
CA SER A 8 -1.75 3.32 49.62
C SER A 8 -0.97 4.24 48.69
N ASN A 9 -0.95 3.95 47.39
CA ASN A 9 -0.19 4.73 46.43
C ASN A 9 -0.99 5.23 45.24
N HIS A 10 -2.18 4.68 44.99
CA HIS A 10 -2.95 5.03 43.80
C HIS A 10 -4.40 5.28 44.16
N LEU A 11 -5.12 5.92 43.24
CA LEU A 11 -6.54 6.17 43.37
C LEU A 11 -7.13 6.37 41.97
N TRP A 12 -8.41 6.06 41.84
CA TRP A 12 -9.07 6.06 40.54
C TRP A 12 -10.55 6.33 40.71
N LEU A 13 -11.11 7.12 39.80
CA LEU A 13 -12.55 7.34 39.77
C LEU A 13 -13.24 6.19 39.05
N LEU A 14 -14.45 5.86 39.54
CA LEU A 14 -15.23 4.81 38.87
C LEU A 14 -15.78 5.28 37.54
N SER A 15 -15.90 6.59 37.32
CA SER A 15 -16.37 7.09 36.04
C SER A 15 -15.32 6.91 34.95
N ASP A 16 -14.04 7.07 35.31
CA ASP A 16 -12.94 6.87 34.37
C ASP A 16 -12.63 5.38 34.23
N ILE A 17 -13.62 4.64 33.77
CA ILE A 17 -13.51 3.21 33.54
C ILE A 17 -13.02 2.99 32.12
N LEU A 18 -12.06 2.08 31.97
CA LEU A 18 -11.50 1.77 30.66
C LEU A 18 -12.13 0.50 30.08
N GLY A 19 -11.66 -0.66 30.54
CA GLY A 19 -12.14 -1.94 30.07
C GLY A 19 -12.98 -2.62 31.15
N GLN A 20 -14.00 -3.35 30.71
CA GLN A 20 -14.90 -4.07 31.62
C GLN A 20 -14.99 -5.51 31.13
N GLY A 21 -14.40 -6.43 31.90
CA GLY A 21 -14.34 -7.83 31.54
C GLY A 21 -15.01 -8.72 32.58
N ALA A 22 -14.95 -10.02 32.31
CA ALA A 22 -15.56 -10.99 33.22
C ALA A 22 -14.76 -11.12 34.50
N THR A 23 -13.43 -11.18 34.39
CA THR A 23 -12.60 -11.35 35.58
C THR A 23 -12.56 -10.09 36.42
N ALA A 24 -12.33 -8.93 35.78
CA ALA A 24 -12.14 -7.69 36.52
C ALA A 24 -12.48 -6.51 35.63
N ASN A 25 -12.34 -5.31 36.19
CA ASN A 25 -12.48 -4.06 35.46
C ASN A 25 -11.22 -3.22 35.67
N VAL A 26 -10.84 -2.48 34.64
CA VAL A 26 -9.62 -1.68 34.65
C VAL A 26 -10.02 -0.22 34.60
N PHE A 27 -9.62 0.53 35.63
CA PHE A 27 -9.89 1.96 35.71
C PHE A 27 -8.63 2.76 35.36
N ARG A 28 -8.86 4.00 34.93
CA ARG A 28 -7.79 4.96 34.68
C ARG A 28 -7.52 5.72 35.97
N GLY A 29 -6.36 5.46 36.59
CA GLY A 29 -6.03 6.05 37.87
C GLY A 29 -4.72 6.81 37.83
N ARG A 30 -4.40 7.40 38.99
CA ARG A 30 -3.21 8.21 39.17
C ARG A 30 -2.47 7.77 40.42
N HIS A 31 -1.21 8.15 40.51
CA HIS A 31 -0.40 7.88 41.70
C HIS A 31 -0.60 8.99 42.72
N LYS A 32 -0.62 8.61 43.99
CA LYS A 32 -0.91 9.58 45.05
C LYS A 32 0.23 10.58 45.27
N LYS A 33 1.47 10.21 44.92
CA LYS A 33 2.62 11.05 45.21
C LYS A 33 3.21 11.73 43.97
N THR A 34 2.98 11.21 42.79
CA THR A 34 3.58 11.73 41.56
C THR A 34 2.58 12.38 40.63
N GLY A 35 1.36 11.85 40.54
CA GLY A 35 0.38 12.32 39.59
C GLY A 35 0.42 11.63 38.25
N ASP A 36 1.37 10.73 38.02
CA ASP A 36 1.44 9.98 36.78
C ASP A 36 0.24 9.06 36.64
N LEU A 37 -0.22 8.90 35.41
CA LEU A 37 -1.39 8.07 35.13
C LEU A 37 -1.00 6.61 34.97
N PHE A 38 -1.80 5.73 35.57
CA PHE A 38 -1.57 4.30 35.50
C PHE A 38 -2.87 3.59 35.15
N ALA A 39 -2.74 2.34 34.73
CA ALA A 39 -3.89 1.47 34.48
C ALA A 39 -4.09 0.60 35.72
N ILE A 40 -5.16 0.86 36.45
CA ILE A 40 -5.45 0.17 37.70
C ILE A 40 -6.45 -0.95 37.43
N LYS A 41 -6.10 -2.16 37.83
CA LYS A 41 -6.93 -3.35 37.61
C LYS A 41 -7.42 -3.86 38.96
N VAL A 42 -8.73 -3.74 39.20
CA VAL A 42 -9.35 -4.13 40.46
C VAL A 42 -10.20 -5.37 40.20
N PHE A 43 -9.76 -6.51 40.73
CA PHE A 43 -10.51 -7.74 40.58
C PHE A 43 -11.81 -7.68 41.39
N ASN A 44 -12.90 -8.15 40.80
CA ASN A 44 -14.17 -8.21 41.51
C ASN A 44 -14.07 -9.15 42.71
N ASN A 45 -13.41 -10.29 42.54
CA ASN A 45 -13.25 -11.26 43.61
C ASN A 45 -11.87 -11.13 44.26
N VAL A 54 -0.22 -18.75 45.41
CA VAL A 54 -0.14 -19.06 43.99
C VAL A 54 -0.11 -17.78 43.17
N GLN A 55 -0.89 -16.78 43.61
CA GLN A 55 -0.93 -15.50 42.91
C GLN A 55 0.30 -14.65 43.18
N MET A 56 0.74 -14.59 44.45
CA MET A 56 1.86 -13.74 44.83
C MET A 56 3.16 -14.13 44.11
N ARG A 57 3.21 -15.29 43.47
CA ARG A 57 4.38 -15.76 42.74
C ARG A 57 4.24 -15.54 41.24
N GLU A 58 3.10 -15.93 40.67
CA GLU A 58 2.85 -15.73 39.25
C GLU A 58 2.64 -14.27 38.89
N PHE A 59 2.46 -13.39 39.88
CA PHE A 59 2.35 -11.95 39.61
C PHE A 59 3.71 -11.26 39.68
N GLU A 60 4.54 -11.61 40.68
CA GLU A 60 5.88 -11.06 40.77
C GLU A 60 6.77 -11.51 39.61
N VAL A 61 6.47 -12.67 39.01
CA VAL A 61 7.20 -13.09 37.82
C VAL A 61 6.77 -12.31 36.60
N LEU A 62 5.59 -11.68 36.64
CA LEU A 62 5.16 -10.78 35.57
C LEU A 62 5.69 -9.37 35.74
N LYS A 63 6.24 -9.04 36.92
CA LYS A 63 6.84 -7.73 37.11
C LYS A 63 8.15 -7.61 36.34
N LYS A 64 9.02 -8.63 36.46
CA LYS A 64 10.31 -8.58 35.80
C LYS A 64 10.20 -8.62 34.29
N LEU A 65 9.05 -9.05 33.76
CA LEU A 65 8.83 -9.06 32.31
C LEU A 65 8.97 -7.65 31.73
N ASN A 66 10.09 -7.39 31.07
CA ASN A 66 10.38 -6.09 30.48
C ASN A 66 10.61 -6.28 28.99
N HIS A 67 9.70 -5.76 28.18
CA HIS A 67 9.84 -5.83 26.73
C HIS A 67 9.05 -4.69 26.11
N LYS A 68 9.46 -4.27 24.91
CA LYS A 68 8.80 -3.15 24.25
C LYS A 68 7.37 -3.49 23.87
N ASN A 69 7.08 -4.75 23.57
CA ASN A 69 5.76 -5.16 23.11
C ASN A 69 4.94 -5.84 24.21
N ILE A 70 5.22 -5.52 25.46
CA ILE A 70 4.52 -6.11 26.60
C ILE A 70 4.21 -5.00 27.59
N VAL A 71 2.95 -4.92 28.01
CA VAL A 71 2.56 -3.92 29.01
C VAL A 71 3.24 -4.24 30.33
N LYS A 72 4.01 -3.29 30.84
CA LYS A 72 4.77 -3.50 32.07
C LYS A 72 3.83 -3.55 33.27
N LEU A 73 3.88 -4.65 34.02
CA LEU A 73 3.16 -4.77 35.28
C LEU A 73 4.01 -4.16 36.38
N PHE A 74 3.64 -2.97 36.83
CA PHE A 74 4.49 -2.22 37.76
C PHE A 74 4.50 -2.85 39.15
N ALA A 75 3.35 -2.88 39.82
CA ALA A 75 3.30 -3.38 41.19
C ALA A 75 1.92 -3.98 41.47
N ILE A 76 1.84 -4.67 42.59
CA ILE A 76 0.60 -5.29 43.06
C ILE A 76 0.30 -4.73 44.45
N GLU A 77 -0.80 -4.00 44.56
CA GLU A 77 -1.22 -3.40 45.81
C GLU A 77 -2.62 -3.88 46.17
N GLU A 78 -2.99 -3.68 47.43
CA GLU A 78 -4.28 -4.10 47.96
C GLU A 78 -5.14 -2.88 48.25
N GLU A 79 -6.37 -2.90 47.74
CA GLU A 79 -7.29 -1.78 47.90
C GLU A 79 -7.58 -1.51 49.38
N THR A 80 -8.04 -0.30 49.66
CA THR A 80 -8.25 0.12 51.04
C THR A 80 -9.54 -0.44 51.62
N THR A 81 -10.66 -0.28 50.91
CA THR A 81 -11.95 -0.62 51.49
C THR A 81 -12.22 -2.12 51.44
N THR A 82 -11.98 -2.76 50.29
CA THR A 82 -12.31 -4.17 50.10
C THR A 82 -11.11 -5.08 50.23
N ARG A 83 -9.89 -4.53 50.37
CA ARG A 83 -8.66 -5.32 50.42
C ARG A 83 -8.53 -6.23 49.21
N HIS A 84 -8.99 -5.76 48.06
CA HIS A 84 -8.89 -6.51 46.82
C HIS A 84 -7.51 -6.35 46.20
N LYS A 85 -7.00 -7.43 45.62
CA LYS A 85 -5.73 -7.37 44.92
C LYS A 85 -5.86 -6.46 43.70
N VAL A 86 -5.02 -5.42 43.65
CA VAL A 86 -5.06 -4.43 42.58
C VAL A 86 -3.74 -4.49 41.82
N LEU A 87 -3.83 -4.54 40.50
CA LEU A 87 -2.67 -4.56 39.62
C LEU A 87 -2.45 -3.16 39.07
N ILE A 88 -1.25 -2.62 39.27
CA ILE A 88 -0.86 -1.33 38.71
C ILE A 88 -0.14 -1.60 37.40
N MET A 89 -0.82 -1.31 36.28
CA MET A 89 -0.28 -1.60 34.96
C MET A 89 -0.02 -0.31 34.19
N GLU A 90 0.75 -0.46 33.12
CA GLU A 90 1.11 0.68 32.28
C GLU A 90 -0.10 1.20 31.53
N PHE A 91 -0.30 2.51 31.56
CA PHE A 91 -1.43 3.13 30.89
C PHE A 91 -1.11 3.36 29.41
N CYS A 92 -2.09 3.07 28.56
CA CYS A 92 -1.93 3.19 27.11
C CYS A 92 -3.04 4.11 26.59
N PRO A 93 -2.78 5.42 26.56
CA PRO A 93 -3.88 6.37 26.31
C PRO A 93 -4.57 6.24 24.95
N CYS A 94 -3.99 5.51 24.00
CA CYS A 94 -4.60 5.37 22.68
C CYS A 94 -5.64 4.26 22.62
N GLY A 95 -5.69 3.38 23.60
CA GLY A 95 -6.62 2.28 23.59
C GLY A 95 -6.00 1.00 23.06
N SER A 96 -6.87 0.09 22.65
CA SER A 96 -6.46 -1.20 22.12
C SER A 96 -6.53 -1.17 20.59
N LEU A 97 -5.99 -2.23 19.98
CA LEU A 97 -6.04 -2.36 18.53
C LEU A 97 -7.47 -2.39 18.02
N TYR A 98 -8.39 -2.93 18.82
CA TYR A 98 -9.81 -2.89 18.45
C TYR A 98 -10.31 -1.46 18.33
N THR A 99 -9.90 -0.60 19.27
CA THR A 99 -10.26 0.81 19.19
C THR A 99 -9.74 1.44 17.90
N VAL A 100 -8.53 1.04 17.48
CA VAL A 100 -7.95 1.57 16.25
C VAL A 100 -8.77 1.12 15.04
N LEU A 101 -9.20 -0.14 15.03
CA LEU A 101 -9.96 -0.68 13.91
C LEU A 101 -11.38 -0.15 13.86
N GLU A 102 -11.88 0.44 14.95
CA GLU A 102 -13.21 1.03 14.95
C GLU A 102 -13.26 2.37 14.24
N GLU A 103 -12.12 3.01 13.99
CA GLU A 103 -12.12 4.30 13.31
C GLU A 103 -12.46 4.11 11.84
N PRO A 104 -13.17 5.05 11.21
CA PRO A 104 -13.59 4.84 9.82
C PRO A 104 -12.44 4.78 8.83
N SER A 105 -11.31 5.44 9.13
CA SER A 105 -10.18 5.39 8.21
C SER A 105 -9.61 4.00 8.07
N ASN A 106 -9.75 3.16 9.11
CA ASN A 106 -9.32 1.78 9.08
C ASN A 106 -10.49 0.82 8.95
N ALA A 107 -11.61 1.28 8.40
CA ALA A 107 -12.76 0.40 8.21
C ALA A 107 -12.50 -0.64 7.14
N TYR A 108 -11.66 -0.33 6.15
CA TYR A 108 -11.30 -1.27 5.10
C TYR A 108 -9.84 -1.69 5.17
N GLY A 109 -9.22 -1.55 6.35
CA GLY A 109 -7.85 -1.98 6.55
C GLY A 109 -6.97 -0.88 7.11
N LEU A 110 -5.96 -1.30 7.86
CA LEU A 110 -4.99 -0.36 8.41
C LEU A 110 -4.12 0.21 7.30
N PRO A 111 -3.50 1.37 7.54
CA PRO A 111 -2.45 1.83 6.63
C PRO A 111 -1.31 0.82 6.57
N GLU A 112 -0.62 0.79 5.43
CA GLU A 112 0.38 -0.25 5.21
C GLU A 112 1.55 -0.12 6.18
N SER A 113 1.95 1.12 6.50
CA SER A 113 3.01 1.33 7.47
C SER A 113 2.56 0.97 8.87
N GLU A 114 1.32 1.34 9.23
CA GLU A 114 0.78 0.98 10.53
C GLU A 114 0.60 -0.53 10.66
N PHE A 115 0.31 -1.21 9.54
CA PHE A 115 0.16 -2.67 9.58
C PHE A 115 1.48 -3.36 9.86
N LEU A 116 2.58 -2.80 9.37
CA LEU A 116 3.90 -3.39 9.64
C LEU A 116 4.28 -3.22 11.10
N ILE A 117 3.86 -2.12 11.73
CA ILE A 117 4.17 -1.92 13.15
C ILE A 117 3.42 -2.94 13.99
N VAL A 118 2.18 -3.25 13.61
CA VAL A 118 1.39 -4.24 14.35
C VAL A 118 2.06 -5.61 14.28
N LEU A 119 2.40 -6.04 13.07
CA LEU A 119 3.02 -7.35 12.89
C LEU A 119 4.37 -7.44 13.58
N ARG A 120 5.14 -6.34 13.60
CA ARG A 120 6.45 -6.37 14.24
C ARG A 120 6.31 -6.49 15.76
N ASP A 121 5.39 -5.72 16.35
CA ASP A 121 5.22 -5.76 17.79
C ASP A 121 4.60 -7.07 18.26
N VAL A 122 3.58 -7.55 17.53
CA VAL A 122 2.91 -8.79 17.91
C VAL A 122 3.88 -9.97 17.86
N VAL A 123 4.64 -10.07 16.77
CA VAL A 123 5.62 -11.14 16.64
C VAL A 123 6.73 -10.97 17.67
N GLY A 124 7.24 -9.75 17.83
CA GLY A 124 8.29 -9.50 18.80
C GLY A 124 7.86 -9.66 20.24
N GLY A 125 6.56 -9.56 20.51
CA GLY A 125 6.06 -9.73 21.86
C GLY A 125 5.84 -11.18 22.24
N MET A 126 5.18 -11.94 21.36
CA MET A 126 4.95 -13.36 21.63
C MET A 126 6.25 -14.14 21.62
N ASN A 127 7.21 -13.75 20.79
CA ASN A 127 8.51 -14.41 20.80
C ASN A 127 9.19 -14.27 22.15
N HIS A 128 9.09 -13.09 22.77
CA HIS A 128 9.61 -12.92 24.11
C HIS A 128 8.80 -13.71 25.12
N LEU A 129 7.50 -13.87 24.88
CA LEU A 129 6.68 -14.70 25.76
C LEU A 129 7.01 -16.18 25.62
N ARG A 130 7.34 -16.61 24.40
CA ARG A 130 7.73 -18.01 24.21
C ARG A 130 9.12 -18.28 24.79
N GLU A 131 10.00 -17.28 24.78
CA GLU A 131 11.30 -17.44 25.43
C GLU A 131 11.14 -17.66 26.93
N ASN A 132 10.08 -17.10 27.52
CA ASN A 132 9.76 -17.31 28.92
C ASN A 132 8.73 -18.42 29.14
N GLY A 133 8.00 -18.81 28.10
CA GLY A 133 7.10 -19.94 28.19
C GLY A 133 5.69 -19.61 28.64
N ILE A 134 5.13 -18.52 28.11
CA ILE A 134 3.76 -18.12 28.42
C ILE A 134 2.93 -18.22 27.15
N VAL A 135 1.88 -19.03 27.19
CA VAL A 135 0.96 -19.17 26.07
C VAL A 135 -0.18 -18.18 26.24
N HIS A 136 -0.51 -17.46 25.16
CA HIS A 136 -1.49 -16.38 25.25
C HIS A 136 -2.92 -16.91 25.17
N ARG A 137 -3.14 -18.04 24.52
CA ARG A 137 -4.46 -18.66 24.36
C ARG A 137 -5.43 -17.77 23.58
N ASP A 138 -5.63 -16.53 24.02
CA ASP A 138 -6.52 -15.59 23.36
C ASP A 138 -5.72 -14.38 22.93
N ILE A 139 -5.63 -14.16 21.61
CA ILE A 139 -4.92 -13.01 21.05
C ILE A 139 -5.88 -12.32 20.08
N LYS A 140 -6.46 -11.21 20.51
CA LYS A 140 -7.39 -10.42 19.70
C LYS A 140 -6.96 -8.96 19.74
N PRO A 141 -7.51 -8.12 18.86
CA PRO A 141 -7.23 -6.68 18.95
C PRO A 141 -7.55 -6.06 20.30
N GLY A 142 -8.45 -6.67 21.08
CA GLY A 142 -8.70 -6.19 22.42
C GLY A 142 -7.59 -6.46 23.41
N ASN A 143 -6.72 -7.44 23.12
CA ASN A 143 -5.60 -7.77 23.97
C ASN A 143 -4.31 -7.09 23.54
N ILE A 144 -4.37 -6.20 22.55
CA ILE A 144 -3.19 -5.55 21.99
C ILE A 144 -3.38 -4.04 22.17
N MET A 145 -2.66 -3.47 23.13
CA MET A 145 -2.77 -2.04 23.41
C MET A 145 -1.85 -1.23 22.51
N ARG A 146 -2.11 0.07 22.43
CA ARG A 146 -1.37 0.97 21.55
C ARG A 146 -0.84 2.14 22.37
N VAL A 147 0.48 2.35 22.31
CA VAL A 147 1.16 3.46 22.97
C VAL A 147 1.93 4.25 21.91
N ILE A 148 1.95 5.56 22.06
CA ILE A 148 2.73 6.41 21.16
C ILE A 148 4.17 6.44 21.66
N GLY A 149 5.10 6.03 20.81
CA GLY A 149 6.50 6.02 21.18
C GLY A 149 7.11 7.40 21.22
N GLU A 150 8.36 7.46 21.71
CA GLU A 150 9.04 8.73 21.84
C GLU A 150 9.29 9.40 20.51
N ASP A 151 9.16 8.66 19.41
CA ASP A 151 9.39 9.18 18.07
C ASP A 151 8.10 9.50 17.33
N GLY A 152 6.94 9.20 17.91
CA GLY A 152 5.66 9.49 17.29
C GLY A 152 5.02 8.31 16.60
N GLN A 153 5.75 7.23 16.39
CA GLN A 153 5.19 6.02 15.80
C GLN A 153 4.56 5.14 16.88
N SER A 154 3.52 4.42 16.49
CA SER A 154 2.79 3.60 17.44
C SER A 154 3.65 2.45 17.94
N VAL A 155 3.36 2.02 19.18
CA VAL A 155 4.01 0.87 19.79
C VAL A 155 2.92 0.00 20.40
N TYR A 156 2.81 -1.24 19.93
CA TYR A 156 1.76 -2.15 20.36
C TYR A 156 2.29 -3.13 21.40
N LYS A 157 1.45 -3.42 22.40
CA LYS A 157 1.87 -4.23 23.54
C LYS A 157 0.76 -5.20 23.90
N LEU A 158 1.16 -6.39 24.35
CA LEU A 158 0.24 -7.38 24.89
C LEU A 158 0.07 -7.15 26.39
N THR A 159 -1.06 -7.61 26.94
CA THR A 159 -1.33 -7.33 28.35
C THR A 159 -2.12 -8.43 29.05
N ASP A 160 -3.22 -8.88 28.44
CA ASP A 160 -4.16 -9.77 29.13
C ASP A 160 -3.80 -11.22 28.83
N PHE A 161 -2.89 -11.77 29.62
CA PHE A 161 -2.52 -13.18 29.50
C PHE A 161 -2.19 -13.80 30.86
N GLY A 178 -11.10 -17.98 24.76
CA GLY A 178 -10.90 -16.56 25.01
C GLY A 178 -12.02 -15.69 24.48
N THR A 179 -12.07 -15.55 23.15
CA THR A 179 -13.10 -14.79 22.48
C THR A 179 -13.74 -15.65 21.40
N GLU A 180 -15.02 -15.38 21.12
CA GLU A 180 -15.81 -16.26 20.27
C GLU A 180 -15.32 -16.27 18.83
N GLU A 181 -15.05 -15.09 18.27
CA GLU A 181 -14.67 -15.01 16.87
C GLU A 181 -13.25 -15.47 16.60
N TYR A 182 -12.40 -15.55 17.62
CA TYR A 182 -10.98 -15.86 17.44
C TYR A 182 -10.61 -17.22 18.01
N LEU A 183 -11.49 -18.21 17.87
CA LEU A 183 -11.28 -19.52 18.47
C LEU A 183 -10.87 -20.54 17.42
N HIS A 184 -10.04 -21.49 17.83
CA HIS A 184 -9.65 -22.58 16.96
C HIS A 184 -10.82 -23.56 16.81
N PRO A 185 -10.98 -24.19 15.65
CA PRO A 185 -12.12 -25.12 15.48
C PRO A 185 -12.16 -26.22 16.52
N ASP A 186 -11.00 -26.76 16.93
CA ASP A 186 -10.99 -27.76 17.97
C ASP A 186 -11.27 -27.15 19.33
N MET A 187 -10.78 -25.93 19.57
CA MET A 187 -11.08 -25.20 20.79
C MET A 187 -12.47 -24.58 20.77
N TYR A 188 -13.08 -24.45 19.59
CA TYR A 188 -14.41 -23.85 19.50
C TYR A 188 -15.47 -24.72 20.16
N GLU A 189 -15.25 -26.03 20.21
CA GLU A 189 -16.21 -26.95 20.80
C GLU A 189 -16.29 -26.79 22.31
N ASP A 206 -2.99 -21.87 18.89
CA ASP A 206 -2.48 -20.58 19.36
C ASP A 206 -2.30 -19.62 18.19
N LEU A 207 -1.76 -20.14 17.09
CA LEU A 207 -1.52 -19.32 15.91
C LEU A 207 -2.80 -18.97 15.14
N TRP A 208 -3.95 -19.50 15.56
CA TRP A 208 -5.19 -19.24 14.84
C TRP A 208 -5.63 -17.79 15.01
N SER A 209 -5.82 -17.36 16.26
CA SER A 209 -6.29 -16.01 16.53
C SER A 209 -5.33 -14.95 16.02
N ILE A 210 -4.05 -15.30 15.84
CA ILE A 210 -3.10 -14.36 15.26
C ILE A 210 -3.41 -14.14 13.79
N GLY A 211 -3.80 -15.20 13.08
CA GLY A 211 -4.16 -15.05 11.69
C GLY A 211 -5.46 -14.28 11.50
N VAL A 212 -6.40 -14.45 12.42
CA VAL A 212 -7.65 -13.70 12.35
C VAL A 212 -7.40 -12.23 12.67
N THR A 213 -6.46 -11.95 13.56
CA THR A 213 -6.15 -10.56 13.91
C THR A 213 -5.47 -9.85 12.73
N PHE A 214 -4.52 -10.51 12.08
CA PHE A 214 -3.83 -9.89 10.96
C PHE A 214 -4.76 -9.68 9.78
N TYR A 215 -5.63 -10.65 9.49
CA TYR A 215 -6.61 -10.47 8.44
C TYR A 215 -7.57 -9.33 8.76
N HIS A 216 -8.01 -9.24 10.02
CA HIS A 216 -8.87 -8.14 10.43
C HIS A 216 -8.15 -6.80 10.32
N ALA A 217 -6.85 -6.77 10.64
CA ALA A 217 -6.10 -5.52 10.58
C ALA A 217 -5.79 -5.12 9.14
N ALA A 218 -5.80 -6.08 8.21
CA ALA A 218 -5.47 -5.82 6.80
C ALA A 218 -6.70 -5.54 5.94
N THR A 219 -7.84 -6.15 6.24
CA THR A 219 -9.04 -5.94 5.44
C THR A 219 -10.03 -5.02 6.12
N GLY A 220 -9.90 -4.80 7.42
CA GLY A 220 -10.92 -4.09 8.17
C GLY A 220 -12.16 -4.90 8.43
N SER A 221 -12.13 -6.21 8.17
CA SER A 221 -13.28 -7.08 8.37
C SER A 221 -12.79 -8.45 8.82
N LEU A 222 -13.75 -9.28 9.24
CA LEU A 222 -13.43 -10.61 9.73
C LEU A 222 -13.29 -11.59 8.57
N PRO A 223 -12.50 -12.66 8.74
CA PRO A 223 -12.31 -13.62 7.65
C PRO A 223 -13.50 -14.55 7.44
N PHE A 224 -14.15 -14.96 8.52
CA PHE A 224 -15.25 -15.93 8.48
C PHE A 224 -16.49 -15.27 9.06
N ARG A 225 -17.33 -14.71 8.19
CA ARG A 225 -18.52 -13.98 8.60
C ARG A 225 -19.76 -14.63 8.00
N PRO A 226 -20.71 -15.11 8.81
CA PRO A 226 -22.00 -15.56 8.26
C PRO A 226 -22.84 -14.40 7.77
N PHE A 227 -24.13 -14.64 7.50
CA PHE A 227 -24.96 -13.57 6.99
C PHE A 227 -25.35 -12.60 8.10
N GLU A 228 -26.10 -13.10 9.10
CA GLU A 228 -26.53 -12.31 10.24
C GLU A 228 -25.47 -12.21 11.33
N GLY A 229 -24.19 -12.32 10.97
CA GLY A 229 -23.12 -12.20 11.93
C GLY A 229 -22.97 -13.42 12.81
N PRO A 230 -21.79 -13.58 13.44
CA PRO A 230 -21.59 -14.73 14.32
C PRO A 230 -22.42 -14.64 15.60
N ARG A 231 -23.74 -14.81 15.47
CA ARG A 231 -24.63 -14.81 16.62
C ARG A 231 -25.56 -16.02 16.57
N ARG A 232 -26.77 -15.85 16.02
CA ARG A 232 -27.64 -17.00 15.81
C ARG A 232 -27.10 -17.92 14.72
N ASN A 233 -26.32 -17.37 13.79
CA ASN A 233 -25.63 -18.18 12.79
C ASN A 233 -24.31 -18.69 13.35
N LYS A 234 -24.29 -19.02 14.65
CA LYS A 234 -23.07 -19.54 15.26
C LYS A 234 -22.76 -20.95 14.76
N GLU A 235 -23.80 -21.77 14.56
CA GLU A 235 -23.58 -23.09 13.98
C GLU A 235 -23.10 -22.99 12.55
N VAL A 236 -23.47 -21.92 11.85
CA VAL A 236 -22.91 -21.66 10.52
C VAL A 236 -21.44 -21.28 10.64
N MET A 237 -21.09 -20.52 11.68
CA MET A 237 -19.71 -20.12 11.89
C MET A 237 -18.82 -21.34 12.12
N TYR A 238 -19.30 -22.31 12.89
CA TYR A 238 -18.54 -23.54 13.10
C TYR A 238 -18.46 -24.36 11.82
N LYS A 239 -19.55 -24.38 11.03
CA LYS A 239 -19.52 -25.07 9.75
C LYS A 239 -18.60 -24.37 8.77
N ILE A 240 -18.40 -23.06 8.93
CA ILE A 240 -17.48 -22.33 8.05
C ILE A 240 -16.04 -22.70 8.35
N ILE A 241 -15.70 -22.88 9.62
CA ILE A 241 -14.33 -23.23 9.99
C ILE A 241 -14.04 -24.69 9.67
N THR A 242 -15.00 -25.58 9.94
CA THR A 242 -14.80 -26.99 9.61
C THR A 242 -14.85 -27.27 8.12
N GLY A 243 -15.23 -26.28 7.31
CA GLY A 243 -15.13 -26.41 5.86
C GLY A 243 -13.70 -26.42 5.35
N LYS A 244 -12.74 -26.03 6.21
CA LYS A 244 -11.29 -25.99 6.02
C LYS A 244 -10.86 -26.05 4.56
N PRO A 245 -10.94 -24.93 3.83
CA PRO A 245 -10.56 -24.96 2.40
C PRO A 245 -9.05 -24.87 2.21
N SER A 246 -8.31 -25.01 3.32
CA SER A 246 -6.85 -24.99 3.34
C SER A 246 -6.30 -23.68 2.81
N GLY A 247 -6.08 -23.60 1.49
CA GLY A 247 -5.43 -22.42 0.93
C GLY A 247 -6.26 -21.16 1.02
N ALA A 248 -7.59 -21.29 1.06
CA ALA A 248 -8.45 -20.11 1.15
C ALA A 248 -8.42 -19.56 2.57
N ILE A 249 -8.63 -18.24 2.67
CA ILE A 249 -8.54 -17.54 3.94
C ILE A 249 -9.82 -16.81 4.31
N SER A 250 -10.79 -16.72 3.41
CA SER A 250 -12.00 -15.95 3.65
C SER A 250 -13.23 -16.81 3.35
N GLY A 251 -14.34 -16.44 3.98
CA GLY A 251 -15.61 -17.11 3.77
C GLY A 251 -16.79 -16.22 4.11
N VAL A 252 -17.43 -15.66 3.09
CA VAL A 252 -18.48 -14.66 3.27
C VAL A 252 -19.80 -15.26 2.84
N GLN A 253 -20.74 -15.36 3.79
CA GLN A 253 -22.10 -15.81 3.52
C GLN A 253 -22.94 -14.57 3.22
N LYS A 254 -23.06 -14.23 1.94
CA LYS A 254 -23.74 -13.01 1.52
C LYS A 254 -25.25 -13.17 1.43
N ALA A 255 -25.81 -14.29 1.87
CA ALA A 255 -27.24 -14.49 1.88
C ALA A 255 -27.62 -15.39 3.06
N GLU A 256 -28.80 -15.16 3.61
CA GLU A 256 -29.24 -15.92 4.78
C GLU A 256 -29.36 -17.39 4.44
N ASN A 257 -28.61 -18.22 5.17
CA ASN A 257 -28.56 -19.67 4.95
C ASN A 257 -28.14 -20.00 3.52
N GLY A 258 -27.36 -19.13 2.90
CA GLY A 258 -26.91 -19.34 1.55
C GLY A 258 -25.58 -20.08 1.51
N PRO A 259 -24.77 -19.79 0.49
CA PRO A 259 -23.47 -20.44 0.37
C PRO A 259 -22.39 -19.74 1.15
N ILE A 260 -21.14 -20.13 0.96
CA ILE A 260 -19.99 -19.50 1.59
C ILE A 260 -19.00 -19.16 0.49
N ASP A 261 -18.87 -17.88 0.19
CA ASP A 261 -17.99 -17.41 -0.89
C ASP A 261 -16.55 -17.45 -0.38
N TRP A 262 -15.81 -18.49 -0.81
CA TRP A 262 -14.43 -18.64 -0.39
C TRP A 262 -13.51 -17.80 -1.27
N SER A 263 -12.30 -17.55 -0.76
CA SER A 263 -11.28 -16.83 -1.49
C SER A 263 -9.94 -17.04 -0.80
N GLY A 264 -8.88 -17.15 -1.59
CA GLY A 264 -7.56 -17.35 -1.05
C GLY A 264 -6.75 -16.07 -1.00
N ASP A 265 -7.22 -15.04 -1.68
CA ASP A 265 -6.53 -13.76 -1.76
C ASP A 265 -7.25 -12.72 -0.92
N MET A 266 -6.58 -11.59 -0.72
CA MET A 266 -7.18 -10.50 0.03
C MET A 266 -8.21 -9.78 -0.84
N PRO A 267 -9.20 -9.15 -0.22
CA PRO A 267 -10.20 -8.40 -0.99
C PRO A 267 -9.58 -7.21 -1.71
N VAL A 268 -10.34 -6.66 -2.65
CA VAL A 268 -9.86 -5.52 -3.43
C VAL A 268 -9.78 -4.27 -2.56
N SER A 269 -10.65 -4.16 -1.56
CA SER A 269 -10.66 -2.99 -0.68
C SER A 269 -9.44 -2.93 0.23
N CYS A 270 -8.62 -3.98 0.27
CA CYS A 270 -7.43 -3.99 1.10
C CYS A 270 -6.49 -2.87 0.68
N SER A 271 -6.07 -2.06 1.65
CA SER A 271 -5.20 -0.92 1.39
C SER A 271 -3.72 -1.28 1.40
N LEU A 272 -3.39 -2.55 1.51
CA LEU A 272 -2.00 -2.98 1.43
C LEU A 272 -1.55 -3.09 -0.03
N SER A 273 -0.27 -2.89 -0.25
CA SER A 273 0.27 -2.98 -1.60
C SER A 273 0.17 -4.41 -2.13
N ARG A 274 0.14 -4.54 -3.45
CA ARG A 274 0.02 -5.86 -4.06
C ARG A 274 1.24 -6.72 -3.75
N GLY A 275 2.41 -6.11 -3.59
CA GLY A 275 3.59 -6.86 -3.22
C GLY A 275 3.54 -7.39 -1.80
N LEU A 276 2.80 -6.71 -0.92
CA LEU A 276 2.65 -7.18 0.45
C LEU A 276 1.61 -8.27 0.56
N GLN A 277 0.54 -8.19 -0.23
CA GLN A 277 -0.47 -9.24 -0.25
C GLN A 277 0.12 -10.57 -0.73
N VAL A 278 1.08 -10.51 -1.66
CA VAL A 278 1.70 -11.74 -2.17
C VAL A 278 2.50 -12.42 -1.07
N LEU A 279 3.12 -11.65 -0.19
CA LEU A 279 3.91 -12.21 0.90
C LEU A 279 3.09 -12.51 2.15
N LEU A 280 1.94 -11.86 2.32
CA LEU A 280 1.11 -12.07 3.50
C LEU A 280 0.13 -13.22 3.34
N THR A 281 -0.39 -13.44 2.13
CA THR A 281 -1.37 -14.49 1.90
C THR A 281 -0.89 -15.88 2.30
N PRO A 282 0.30 -16.34 1.93
CA PRO A 282 0.70 -17.70 2.33
C PRO A 282 0.93 -17.84 3.82
N VAL A 283 1.29 -16.76 4.51
CA VAL A 283 1.50 -16.84 5.96
C VAL A 283 0.19 -17.15 6.67
N LEU A 284 -0.90 -16.51 6.24
CA LEU A 284 -2.21 -16.73 6.86
C LEU A 284 -2.80 -18.07 6.45
N ALA A 285 -2.73 -18.42 5.16
CA ALA A 285 -3.37 -19.64 4.69
C ALA A 285 -2.80 -20.89 5.35
N ASN A 286 -1.51 -20.87 5.70
CA ASN A 286 -0.88 -22.02 6.32
C ASN A 286 -1.08 -22.07 7.84
N ILE A 287 -1.63 -21.03 8.44
CA ILE A 287 -1.96 -21.02 9.86
C ILE A 287 -3.46 -20.96 10.08
N LEU A 288 -4.26 -21.22 9.05
CA LEU A 288 -5.71 -21.17 9.13
C LEU A 288 -6.33 -22.46 8.64
N GLU A 289 -5.86 -23.59 9.18
CA GLU A 289 -6.50 -24.87 8.94
C GLU A 289 -6.26 -25.76 10.17
N ALA A 290 -7.28 -26.55 10.51
CA ALA A 290 -7.26 -27.28 11.78
C ALA A 290 -6.20 -28.37 11.82
N ASP A 291 -5.66 -28.78 10.68
CA ASP A 291 -4.72 -29.89 10.64
C ASP A 291 -3.41 -29.49 11.32
N GLN A 292 -3.12 -30.12 12.46
CA GLN A 292 -1.79 -29.94 13.06
C GLN A 292 -0.72 -30.53 12.16
N GLU A 293 -1.08 -31.50 11.32
CA GLU A 293 -0.17 -32.00 10.30
C GLU A 293 0.23 -30.91 9.32
N LYS A 294 -0.67 -29.96 9.05
CA LYS A 294 -0.43 -28.92 8.07
C LYS A 294 -0.28 -27.54 8.70
N CYS A 295 -0.20 -27.46 10.03
CA CYS A 295 0.05 -26.19 10.69
C CYS A 295 1.54 -25.89 10.70
N TRP A 296 1.87 -24.59 10.75
CA TRP A 296 3.27 -24.17 10.60
C TRP A 296 4.05 -24.30 11.89
N GLY A 297 3.46 -23.92 13.02
CA GLY A 297 4.21 -23.78 14.24
C GLY A 297 4.95 -22.44 14.30
N PHE A 298 5.37 -22.08 15.52
CA PHE A 298 5.95 -20.76 15.72
C PHE A 298 7.28 -20.59 14.99
N ASP A 299 8.08 -21.66 14.90
CA ASP A 299 9.42 -21.53 14.31
C ASP A 299 9.34 -21.16 12.83
N GLN A 300 8.55 -21.89 12.05
CA GLN A 300 8.35 -21.51 10.65
C GLN A 300 7.57 -20.20 10.55
N PHE A 301 6.68 -19.93 11.50
CA PHE A 301 5.95 -18.67 11.50
C PHE A 301 6.89 -17.49 11.78
N PHE A 302 7.68 -17.60 12.85
CA PHE A 302 8.61 -16.53 13.19
C PHE A 302 9.68 -16.34 12.11
N ALA A 303 10.04 -17.42 11.42
CA ALA A 303 11.05 -17.31 10.37
C ALA A 303 10.51 -16.56 9.16
N GLU A 304 9.31 -16.94 8.70
CA GLU A 304 8.75 -16.30 7.51
C GLU A 304 8.30 -14.87 7.79
N THR A 305 7.84 -14.60 9.02
CA THR A 305 7.46 -13.22 9.36
C THR A 305 8.69 -12.34 9.49
N SER A 306 9.77 -12.87 10.08
CA SER A 306 11.02 -12.11 10.13
C SER A 306 11.57 -11.86 8.74
N ASP A 307 11.30 -12.77 7.79
CA ASP A 307 11.71 -12.55 6.42
C ASP A 307 10.98 -11.37 5.78
N ILE A 308 9.74 -11.13 6.18
CA ILE A 308 8.97 -10.02 5.61
C ILE A 308 9.45 -8.70 6.20
N LEU A 309 9.69 -8.67 7.52
CA LEU A 309 10.05 -7.41 8.17
C LEU A 309 11.46 -6.96 7.82
N HIS A 310 12.34 -7.88 7.40
CA HIS A 310 13.71 -7.53 7.06
C HIS A 310 13.85 -7.02 5.63
N ARG A 311 12.74 -6.81 4.92
CA ARG A 311 12.77 -6.37 3.53
C ARG A 311 12.53 -4.88 3.45
N MET A 312 13.33 -4.19 2.63
CA MET A 312 13.14 -2.78 2.34
C MET A 312 12.17 -2.61 1.19
N VAL A 313 11.66 -1.39 1.03
CA VAL A 313 10.63 -1.08 0.05
C VAL A 313 11.26 -0.27 -1.08
N ILE A 314 11.00 -0.69 -2.31
CA ILE A 314 11.42 0.03 -3.51
C ILE A 314 10.16 0.43 -4.26
N HIS A 315 9.89 1.73 -4.32
CA HIS A 315 8.69 2.23 -4.99
C HIS A 315 8.91 2.25 -6.50
N VAL A 316 8.02 1.59 -7.24
CA VAL A 316 8.10 1.49 -8.68
C VAL A 316 6.73 1.79 -9.26
N PHE A 317 6.68 2.72 -10.22
CA PHE A 317 5.44 3.11 -10.87
C PHE A 317 5.51 2.73 -12.34
N SER A 318 4.68 1.78 -12.74
CA SER A 318 4.61 1.36 -14.15
C SER A 318 3.96 2.48 -14.95
N LEU A 319 4.77 3.24 -15.67
CA LEU A 319 4.26 4.42 -16.37
C LEU A 319 3.35 4.04 -17.53
N GLN A 320 3.61 2.92 -18.20
CA GLN A 320 2.78 2.52 -19.32
C GLN A 320 1.47 1.87 -18.86
N GLN A 321 1.48 1.21 -17.72
CA GLN A 321 0.27 0.61 -17.16
C GLN A 321 -0.47 1.55 -16.21
N MET A 322 0.12 2.67 -15.84
CA MET A 322 -0.44 3.62 -14.87
C MET A 322 -0.80 2.89 -13.58
N THR A 323 0.18 2.15 -13.04
CA THR A 323 0.01 1.40 -11.81
C THR A 323 1.22 1.63 -10.92
N ALA A 324 0.97 1.89 -9.64
CA ALA A 324 2.03 2.03 -8.65
C ALA A 324 2.21 0.71 -7.92
N HIS A 325 3.45 0.39 -7.57
CA HIS A 325 3.78 -0.88 -6.96
C HIS A 325 4.79 -0.66 -5.84
N LYS A 326 4.93 -1.67 -5.00
CA LYS A 326 5.93 -1.68 -3.94
C LYS A 326 6.62 -3.03 -3.95
N ILE A 327 7.93 -3.03 -4.17
CA ILE A 327 8.73 -4.25 -4.24
C ILE A 327 9.34 -4.48 -2.87
N TYR A 328 8.91 -5.55 -2.20
CA TYR A 328 9.49 -5.95 -0.91
C TYR A 328 10.68 -6.84 -1.19
N ILE A 329 11.88 -6.28 -1.07
CA ILE A 329 13.12 -6.97 -1.40
C ILE A 329 14.10 -6.78 -0.25
N HIS A 330 14.83 -7.84 0.09
CA HIS A 330 15.85 -7.74 1.12
C HIS A 330 16.95 -6.78 0.70
N SER A 331 17.60 -6.18 1.69
CA SER A 331 18.66 -5.22 1.42
C SER A 331 19.93 -5.86 0.85
N TYR A 332 20.05 -7.18 0.91
CA TYR A 332 21.22 -7.88 0.40
C TYR A 332 20.97 -8.56 -0.94
N ASN A 333 19.76 -8.47 -1.48
CA ASN A 333 19.48 -9.07 -2.78
C ASN A 333 20.06 -8.21 -3.91
N THR A 334 20.27 -8.86 -5.05
CA THR A 334 20.80 -8.19 -6.23
C THR A 334 19.67 -7.57 -7.05
N ALA A 335 20.05 -6.74 -8.03
CA ALA A 335 19.06 -6.11 -8.89
C ALA A 335 18.41 -7.11 -9.83
N THR A 336 19.03 -8.28 -10.05
CA THR A 336 18.41 -9.30 -10.87
C THR A 336 17.14 -9.84 -10.22
N ILE A 337 17.21 -10.12 -8.91
CA ILE A 337 16.02 -10.52 -8.17
C ILE A 337 15.02 -9.37 -8.12
N PHE A 338 15.51 -8.13 -8.10
CA PHE A 338 14.62 -6.98 -8.11
C PHE A 338 13.79 -6.95 -9.39
N HIS A 339 14.44 -7.13 -10.54
CA HIS A 339 13.70 -7.18 -11.80
C HIS A 339 12.77 -8.39 -11.86
N GLU A 340 13.12 -9.47 -11.16
CA GLU A 340 12.23 -10.62 -11.09
C GLU A 340 10.94 -10.27 -10.37
N LEU A 341 11.03 -9.56 -9.25
CA LEU A 341 9.83 -9.15 -8.51
C LEU A 341 9.02 -8.13 -9.29
N VAL A 342 9.69 -7.26 -10.05
CA VAL A 342 8.98 -6.30 -10.89
C VAL A 342 8.19 -7.03 -11.97
N TYR A 343 8.76 -8.12 -12.50
CA TYR A 343 8.04 -8.91 -13.49
C TYR A 343 6.84 -9.62 -12.88
N LYS A 344 7.01 -10.23 -11.70
CA LYS A 344 5.91 -10.93 -11.06
C LYS A 344 4.78 -10.00 -10.63
N GLN A 345 5.00 -8.68 -10.66
CA GLN A 345 3.98 -7.71 -10.30
C GLN A 345 3.50 -6.86 -11.48
N THR A 346 4.26 -6.82 -12.58
CA THR A 346 3.89 -6.03 -13.75
C THR A 346 3.92 -6.80 -15.05
N LYS A 347 4.40 -8.05 -15.06
CA LYS A 347 4.50 -8.86 -16.27
C LYS A 347 5.41 -8.22 -17.33
N ILE A 348 6.36 -7.40 -16.88
CA ILE A 348 7.33 -6.78 -17.77
C ILE A 348 8.61 -7.62 -17.75
N ILE A 349 9.09 -7.99 -18.93
CA ILE A 349 10.29 -8.82 -19.02
C ILE A 349 11.48 -8.06 -18.45
N SER A 350 12.36 -8.78 -17.75
CA SER A 350 13.46 -8.16 -17.03
C SER A 350 14.38 -7.38 -17.98
N SER A 351 14.68 -7.96 -19.15
CA SER A 351 15.58 -7.29 -20.08
C SER A 351 14.95 -6.04 -20.68
N ASN A 352 13.63 -5.99 -20.76
CA ASN A 352 12.93 -4.85 -21.34
C ASN A 352 12.65 -3.75 -20.32
N GLN A 353 12.95 -3.98 -19.03
CA GLN A 353 12.69 -2.98 -18.01
C GLN A 353 13.69 -1.85 -18.13
N GLU A 354 13.20 -0.68 -18.55
CA GLU A 354 14.01 0.53 -18.64
C GLU A 354 13.53 1.49 -17.56
N LEU A 355 14.43 1.91 -16.68
CA LEU A 355 14.08 2.58 -15.45
C LEU A 355 14.51 4.05 -15.47
N ILE A 356 13.66 4.91 -14.93
CA ILE A 356 13.89 6.36 -14.88
C ILE A 356 13.83 6.80 -13.43
N TYR A 357 14.66 7.79 -13.07
CA TYR A 357 14.66 8.30 -11.70
C TYR A 357 15.19 9.73 -11.70
N GLU A 358 14.41 10.64 -11.12
CA GLU A 358 14.79 12.04 -10.95
C GLU A 358 15.18 12.68 -12.29
N GLY A 359 14.40 12.39 -13.32
CA GLY A 359 14.58 13.02 -14.62
C GLY A 359 15.71 12.49 -15.47
N ARG A 360 16.26 11.32 -15.12
CA ARG A 360 17.34 10.73 -15.90
C ARG A 360 17.13 9.22 -15.96
N ARG A 361 17.78 8.59 -16.93
CA ARG A 361 17.74 7.14 -17.03
C ARG A 361 18.45 6.51 -15.82
N LEU A 362 18.12 5.25 -15.57
CA LEU A 362 18.70 4.52 -14.45
C LEU A 362 19.08 3.13 -14.93
N VAL A 363 20.37 2.81 -14.90
CA VAL A 363 20.87 1.50 -15.28
C VAL A 363 21.23 0.76 -14.00
N LEU A 364 20.55 -0.36 -13.76
CA LEU A 364 20.79 -1.18 -12.57
C LEU A 364 21.73 -2.33 -12.92
N GLU A 365 22.90 -2.33 -12.29
CA GLU A 365 23.81 -3.44 -12.47
C GLU A 365 23.22 -4.70 -11.86
N PRO A 366 23.31 -5.85 -12.55
CA PRO A 366 22.63 -7.07 -12.06
C PRO A 366 23.13 -7.55 -10.70
N GLY A 367 24.24 -7.02 -10.19
CA GLY A 367 24.75 -7.44 -8.90
C GLY A 367 24.68 -6.36 -7.84
N ARG A 368 24.21 -5.18 -8.23
CA ARG A 368 24.10 -4.07 -7.30
C ARG A 368 23.07 -4.38 -6.23
N LEU A 369 23.50 -4.35 -4.97
CA LEU A 369 22.64 -4.71 -3.86
C LEU A 369 21.49 -3.72 -3.72
N ALA A 370 20.41 -4.18 -3.07
CA ALA A 370 19.21 -3.35 -2.97
C ALA A 370 19.39 -2.20 -2.00
N GLN A 371 20.25 -2.36 -0.99
CA GLN A 371 20.47 -1.27 -0.04
C GLN A 371 21.26 -0.12 -0.64
N HIS A 372 21.87 -0.32 -1.80
CA HIS A 372 22.57 0.75 -2.51
C HIS A 372 21.70 1.41 -3.57
N PHE A 373 20.45 0.98 -3.73
CA PHE A 373 19.54 1.65 -4.63
C PHE A 373 19.22 3.05 -4.09
N PRO A 374 18.79 3.96 -4.97
CA PRO A 374 18.37 5.28 -4.49
C PRO A 374 17.10 5.20 -3.65
N LYS A 375 17.04 6.04 -2.61
CA LYS A 375 15.88 6.03 -1.73
C LYS A 375 14.65 6.55 -2.46
N THR A 376 13.54 5.82 -2.34
CA THR A 376 12.32 6.11 -3.06
C THR A 376 11.17 6.33 -2.10
N THR A 377 10.19 7.11 -2.53
CA THR A 377 8.95 7.35 -1.80
C THR A 377 7.78 7.08 -2.73
N GLU A 378 6.57 7.15 -2.16
CA GLU A 378 5.37 7.02 -2.98
C GLU A 378 5.24 8.14 -3.99
N GLU A 379 5.85 9.30 -3.72
CA GLU A 379 5.77 10.46 -4.58
C GLU A 379 7.02 10.67 -5.42
N ASN A 380 8.02 9.80 -5.28
CA ASN A 380 9.25 9.87 -6.07
C ASN A 380 9.77 8.45 -6.30
N PRO A 381 9.06 7.67 -7.14
CA PRO A 381 9.47 6.26 -7.33
C PRO A 381 10.44 6.06 -8.48
N ILE A 382 10.65 4.81 -8.86
CA ILE A 382 11.46 4.46 -10.02
C ILE A 382 10.48 4.07 -11.12
N PHE A 383 10.29 4.98 -12.08
CA PHE A 383 9.39 4.71 -13.20
C PHE A 383 9.97 3.63 -14.09
N VAL A 384 9.16 2.63 -14.42
CA VAL A 384 9.57 1.55 -15.30
C VAL A 384 8.80 1.66 -16.62
N VAL A 385 9.54 1.68 -17.72
CA VAL A 385 8.96 1.68 -19.06
C VAL A 385 9.58 0.52 -19.83
N SER A 386 8.85 0.03 -20.83
CA SER A 386 9.29 -1.10 -21.63
C SER A 386 9.06 -0.79 -23.11
N ARG A 387 9.90 -1.38 -23.96
CA ARG A 387 9.74 -1.20 -25.40
C ARG A 387 8.55 -1.98 -25.95
N GLU A 388 8.16 -3.06 -25.29
CA GLU A 388 7.00 -3.80 -25.75
C GLU A 388 5.71 -3.04 -25.39
N PRO A 389 4.67 -3.17 -26.21
CA PRO A 389 3.40 -2.50 -25.89
C PRO A 389 2.74 -3.12 -24.67
N LEU A 390 2.32 -2.28 -23.74
CA LEU A 390 1.68 -2.70 -22.50
C LEU A 390 0.27 -2.14 -22.43
N ASN A 391 -0.65 -2.95 -21.92
CA ASN A 391 -2.02 -2.51 -21.75
C ASN A 391 -2.10 -1.47 -20.63
N THR A 392 -2.89 -0.42 -20.86
CA THR A 392 -3.07 0.64 -19.89
C THR A 392 -4.26 0.27 -19.00
N ILE A 393 -3.97 -0.09 -17.76
CA ILE A 393 -4.99 -0.57 -16.82
C ILE A 393 -5.47 0.53 -15.88
N GLY A 394 -4.53 1.21 -15.23
CA GLY A 394 -4.88 2.20 -14.23
C GLY A 394 -5.01 1.57 -12.86
N LEU A 395 -5.80 2.22 -12.00
CA LEU A 395 -6.03 1.73 -10.65
C LEU A 395 -7.26 0.84 -10.61
N ILE A 396 -7.13 -0.28 -9.89
CA ILE A 396 -8.23 -1.24 -9.69
C ILE A 396 -8.70 -1.12 -8.24
N TYR A 397 -9.97 -0.77 -8.06
CA TYR A 397 -10.54 -0.62 -6.72
C TYR A 397 -11.96 -1.17 -6.71
N GLU A 398 -12.42 -1.49 -5.51
CA GLU A 398 -13.78 -1.99 -5.30
C GLU A 398 -14.77 -0.85 -5.39
N LYS A 399 -15.75 -0.96 -6.29
CA LYS A 399 -16.74 0.09 -6.50
C LYS A 399 -17.90 -0.14 -5.54
N ILE A 400 -17.96 0.65 -4.48
CA ILE A 400 -18.98 0.52 -3.45
C ILE A 400 -19.89 1.73 -3.49
N SER A 401 -21.17 1.50 -3.19
CA SER A 401 -22.18 2.55 -3.15
C SER A 401 -22.61 2.80 -1.71
N LEU A 402 -23.36 3.88 -1.53
CA LEU A 402 -23.83 4.24 -0.20
C LEU A 402 -24.92 3.29 0.25
N PRO A 403 -24.81 2.69 1.43
CA PRO A 403 -25.93 1.92 1.97
C PRO A 403 -27.08 2.83 2.35
N LYS A 404 -28.30 2.36 2.16
CA LYS A 404 -29.48 3.17 2.46
C LYS A 404 -29.58 3.44 3.96
N VAL A 405 -30.08 4.62 4.29
CA VAL A 405 -30.25 5.04 5.68
C VAL A 405 -31.68 4.72 6.11
N HIS A 406 -31.81 4.06 7.29
CA HIS A 406 -33.14 3.71 7.76
C HIS A 406 -33.74 4.86 8.57
N PRO A 407 -35.06 5.02 8.57
CA PRO A 407 -35.67 6.10 9.37
C PRO A 407 -35.92 5.72 10.82
N ARG A 408 -35.75 4.46 11.19
CA ARG A 408 -36.02 4.02 12.56
C ARG A 408 -35.04 4.68 13.53
N TYR A 409 -35.59 5.24 14.61
CA TYR A 409 -34.78 5.84 15.66
C TYR A 409 -34.25 4.72 16.55
N ASP A 410 -33.10 4.18 16.17
CA ASP A 410 -32.44 3.12 16.92
C ASP A 410 -31.01 3.57 17.21
N LEU A 411 -30.69 3.69 18.50
CA LEU A 411 -29.36 4.15 18.88
C LEU A 411 -28.28 3.17 18.41
N ASP A 412 -28.55 1.87 18.51
CA ASP A 412 -27.60 0.88 18.05
C ASP A 412 -27.59 0.79 16.53
N GLY A 413 -28.77 0.90 15.90
CA GLY A 413 -28.83 0.84 14.45
C GLY A 413 -28.15 2.03 13.79
N ASP A 414 -28.42 3.24 14.30
CA ASP A 414 -27.80 4.43 13.75
C ASP A 414 -26.29 4.43 13.97
N ALA A 415 -25.82 3.79 15.05
CA ALA A 415 -24.39 3.71 15.30
C ALA A 415 -23.71 2.77 14.31
N SER A 416 -24.25 1.57 14.13
CA SER A 416 -23.70 0.64 13.16
C SER A 416 -23.86 1.15 11.73
N MET A 417 -24.92 1.93 11.47
CA MET A 417 -25.10 2.51 10.15
C MET A 417 -24.11 3.64 9.91
N ALA A 418 -23.90 4.49 10.92
CA ALA A 418 -22.97 5.60 10.74
C ALA A 418 -21.53 5.13 10.61
N LYS A 419 -21.20 3.98 11.20
CA LYS A 419 -19.83 3.46 11.09
C LYS A 419 -19.54 2.97 9.68
N ALA A 420 -20.48 2.24 9.08
CA ALA A 420 -20.26 1.70 7.74
C ALA A 420 -20.24 2.81 6.69
N ILE A 421 -21.18 3.75 6.77
CA ILE A 421 -21.27 4.79 5.74
C ILE A 421 -20.09 5.75 5.83
N THR A 422 -19.55 5.98 7.04
CA THR A 422 -18.38 6.83 7.16
C THR A 422 -17.13 6.13 6.66
N GLY A 423 -17.04 4.81 6.85
CA GLY A 423 -15.92 4.07 6.31
C GLY A 423 -15.94 3.99 4.80
N VAL A 424 -17.13 4.03 4.20
CA VAL A 424 -17.24 4.06 2.74
C VAL A 424 -16.67 5.37 2.20
N VAL A 425 -16.97 6.49 2.85
CA VAL A 425 -16.45 7.77 2.41
C VAL A 425 -14.94 7.83 2.61
N CYS A 426 -14.44 7.21 3.68
CA CYS A 426 -12.99 7.10 3.86
C CYS A 426 -12.36 6.32 2.71
N TYR A 427 -13.04 5.27 2.25
CA TYR A 427 -12.54 4.50 1.11
C TYR A 427 -12.57 5.34 -0.16
N ALA A 428 -13.66 6.05 -0.40
CA ALA A 428 -13.74 6.93 -1.56
C ALA A 428 -12.77 8.11 -1.43
N CYS A 429 -12.51 8.56 -0.20
CA CYS A 429 -11.50 9.58 0.00
C CYS A 429 -10.09 9.01 -0.16
N ARG A 430 -9.90 7.75 0.20
CA ARG A 430 -8.62 7.09 -0.03
C ARG A 430 -8.35 6.90 -1.52
N ILE A 431 -9.33 6.39 -2.25
CA ILE A 431 -9.16 6.18 -3.68
C ILE A 431 -8.97 7.51 -4.40
N ALA A 432 -9.63 8.57 -3.94
CA ALA A 432 -9.49 9.87 -4.59
C ALA A 432 -8.06 10.39 -4.51
N SER A 433 -7.45 10.28 -3.34
CA SER A 433 -6.05 10.71 -3.21
C SER A 433 -5.11 9.79 -3.99
N THR A 434 -5.48 8.52 -4.13
CA THR A 434 -4.66 7.60 -4.92
C THR A 434 -4.77 7.91 -6.41
N LEU A 435 -5.97 8.29 -6.87
CA LEU A 435 -6.12 8.69 -8.27
C LEU A 435 -5.41 10.01 -8.55
N LEU A 436 -5.39 10.91 -7.57
CA LEU A 436 -4.65 12.16 -7.74
C LEU A 436 -3.16 11.91 -7.80
N LEU A 437 -2.65 11.03 -6.94
CA LEU A 437 -1.24 10.68 -6.98
C LEU A 437 -0.88 10.01 -8.30
N TYR A 438 -1.75 9.14 -8.80
CA TYR A 438 -1.47 8.47 -10.08
C TYR A 438 -1.34 9.46 -11.22
N GLN A 439 -2.19 10.50 -11.23
CA GLN A 439 -2.11 11.49 -12.31
C GLN A 439 -0.87 12.37 -12.14
N GLU A 440 -0.55 12.77 -10.91
CA GLU A 440 0.62 13.60 -10.69
C GLU A 440 1.91 12.82 -10.95
N LEU A 441 1.93 11.54 -10.58
CA LEU A 441 3.07 10.70 -10.95
C LEU A 441 3.14 10.50 -12.46
N MET A 442 1.98 10.43 -13.11
CA MET A 442 1.97 10.28 -14.57
C MET A 442 2.56 11.50 -15.25
N ARG A 443 2.22 12.69 -14.77
CA ARG A 443 2.72 13.92 -15.40
C ARG A 443 4.23 14.04 -15.28
N LYS A 444 4.79 13.69 -14.12
CA LYS A 444 6.24 13.75 -13.95
C LYS A 444 6.93 12.69 -14.81
N GLY A 445 6.39 11.47 -14.84
CA GLY A 445 6.99 10.42 -15.64
C GLY A 445 6.93 10.71 -17.13
N ILE A 446 5.86 11.37 -17.58
CA ILE A 446 5.76 11.74 -18.99
C ILE A 446 6.66 12.94 -19.29
N ARG A 447 6.64 13.95 -18.44
CA ARG A 447 7.53 15.10 -18.62
C ARG A 447 9.00 14.71 -18.53
N TRP A 448 9.31 13.60 -17.85
CA TRP A 448 10.68 13.10 -17.82
C TRP A 448 10.99 12.29 -19.08
N LEU A 449 10.09 11.38 -19.45
CA LEU A 449 10.35 10.48 -20.56
C LEU A 449 10.56 11.23 -21.86
N ILE A 450 9.86 12.35 -22.07
CA ILE A 450 10.09 13.15 -23.26
C ILE A 450 11.49 13.75 -23.25
N GLU A 451 12.01 14.08 -22.07
CA GLU A 451 13.38 14.59 -22.00
C GLU A 451 14.40 13.47 -22.20
N LEU A 452 14.07 12.25 -21.78
CA LEU A 452 14.95 11.11 -22.03
C LEU A 452 14.98 10.77 -23.51
N ILE A 453 13.85 10.92 -24.19
CA ILE A 453 13.83 10.70 -25.64
C ILE A 453 14.58 11.82 -26.35
N LYS A 454 14.42 13.06 -25.89
CA LYS A 454 15.20 14.16 -26.45
C LYS A 454 16.69 14.03 -26.16
N ASP A 455 17.05 13.23 -25.15
CA ASP A 455 18.46 12.90 -24.94
C ASP A 455 18.94 11.86 -25.94
N ASP A 456 18.10 10.85 -26.22
CA ASP A 456 18.44 9.87 -27.24
C ASP A 456 18.49 10.51 -28.62
N TYR A 457 17.66 11.52 -28.86
CA TYR A 457 17.71 12.24 -30.14
C TYR A 457 18.99 13.05 -30.26
N ASN A 458 19.42 13.70 -29.17
CA ASN A 458 20.63 14.51 -29.24
C ASN A 458 21.88 13.66 -29.36
N GLU A 459 21.86 12.44 -28.82
CA GLU A 459 23.00 11.54 -29.02
C GLU A 459 23.08 11.06 -30.46
N THR A 460 21.92 10.90 -31.12
CA THR A 460 21.93 10.54 -32.54
C THR A 460 22.51 11.66 -33.38
N VAL A 461 22.30 12.91 -32.99
CA VAL A 461 22.89 14.03 -33.69
C VAL A 461 24.41 14.00 -33.58
N HIS A 462 24.93 13.58 -32.42
CA HIS A 462 26.38 13.47 -32.26
C HIS A 462 26.96 12.44 -33.22
N LYS A 463 26.34 11.27 -33.30
CA LYS A 463 26.79 10.26 -34.26
C LYS A 463 26.52 10.68 -35.70
N LYS A 464 25.55 11.56 -35.94
CA LYS A 464 25.33 12.07 -37.30
C LYS A 464 26.46 13.00 -37.72
N THR A 465 26.86 13.92 -36.83
CA THR A 465 27.96 14.81 -37.16
C THR A 465 29.26 14.06 -37.36
N GLU A 466 29.43 12.91 -36.68
CA GLU A 466 30.61 12.09 -36.91
C GLU A 466 30.59 11.46 -38.29
N VAL A 467 29.41 11.07 -38.76
CA VAL A 467 29.30 10.47 -40.09
C VAL A 467 29.34 11.53 -41.18
N VAL A 468 28.76 12.71 -40.93
CA VAL A 468 28.80 13.77 -41.94
C VAL A 468 30.22 14.28 -42.14
N ILE A 469 30.97 14.46 -41.05
CA ILE A 469 32.36 14.92 -41.17
C ILE A 469 33.20 13.88 -41.90
N THR A 470 33.00 12.59 -41.57
CA THR A 470 33.72 11.54 -42.27
C THR A 470 33.31 11.45 -43.73
N LEU A 471 32.01 11.61 -44.00
CA LEU A 471 31.53 11.55 -45.38
C LEU A 471 32.16 12.63 -46.24
N ASP A 472 32.12 13.88 -45.77
CA ASP A 472 32.64 14.99 -46.57
C ASP A 472 34.15 14.88 -46.75
N PHE A 473 34.87 14.56 -45.66
CA PHE A 473 36.33 14.46 -45.74
C PHE A 473 36.80 13.22 -46.47
N CYS A 474 35.89 12.33 -46.88
CA CYS A 474 36.23 11.19 -47.71
C CYS A 474 35.67 11.27 -49.12
N ILE A 475 34.52 11.92 -49.31
CA ILE A 475 33.98 12.05 -50.65
C ILE A 475 34.73 13.14 -51.42
N ARG A 476 35.27 14.14 -50.73
CA ARG A 476 36.01 15.21 -51.38
C ARG A 476 37.50 14.95 -51.44
N ASN A 477 38.05 14.21 -50.48
CA ASN A 477 39.44 13.77 -50.59
C ASN A 477 39.65 12.85 -51.78
N ILE A 478 38.58 12.25 -52.31
CA ILE A 478 38.68 11.48 -53.54
C ILE A 478 38.66 12.40 -54.75
N GLU A 479 37.79 13.40 -54.74
CA GLU A 479 37.74 14.37 -55.84
C GLU A 479 39.09 15.04 -56.05
N LYS A 480 39.81 15.30 -54.96
CA LYS A 480 41.11 15.96 -55.06
C LYS A 480 42.10 15.12 -55.85
N THR A 481 42.20 13.83 -55.52
CA THR A 481 43.13 12.95 -56.23
C THR A 481 42.68 12.70 -57.66
N VAL A 482 41.37 12.64 -57.88
CA VAL A 482 40.83 12.41 -59.22
C VAL A 482 41.19 13.57 -60.16
N GLU A 497 40.61 1.63 -64.02
CA GLU A 497 41.07 2.72 -63.16
C GLU A 497 39.95 3.73 -62.95
N LEU A 498 39.08 3.87 -63.95
CA LEU A 498 37.90 4.71 -63.80
C LEU A 498 36.78 3.97 -63.09
N GLY A 499 36.69 2.65 -63.27
CA GLY A 499 35.69 1.87 -62.57
C GLY A 499 35.94 1.78 -61.08
N GLU A 500 37.20 1.82 -60.67
CA GLU A 500 37.52 1.75 -59.24
C GLU A 500 37.13 3.02 -58.50
N ILE A 501 36.98 4.14 -59.21
CA ILE A 501 36.59 5.40 -58.59
C ILE A 501 35.11 5.71 -58.84
N SER A 502 34.61 5.40 -60.04
CA SER A 502 33.20 5.64 -60.32
C SER A 502 32.30 4.76 -59.47
N ASP A 503 32.74 3.54 -59.13
CA ASP A 503 31.97 2.68 -58.25
C ASP A 503 31.87 3.26 -56.84
N ILE A 504 32.89 4.00 -56.41
CA ILE A 504 32.86 4.60 -55.07
C ILE A 504 31.83 5.72 -55.03
N HIS A 505 31.78 6.57 -56.06
CA HIS A 505 30.85 7.68 -56.06
C HIS A 505 29.41 7.20 -56.18
N THR A 506 29.17 6.17 -57.00
CA THR A 506 27.84 5.56 -57.02
C THR A 506 27.49 4.92 -55.69
N LYS A 507 28.48 4.70 -54.82
CA LYS A 507 28.24 4.22 -53.46
C LYS A 507 28.34 5.32 -52.42
N LEU A 508 29.21 6.32 -52.62
CA LEU A 508 29.28 7.43 -51.69
C LEU A 508 28.06 8.33 -51.80
N LEU A 509 27.57 8.56 -53.02
CA LEU A 509 26.38 9.38 -53.20
C LEU A 509 25.13 8.66 -52.71
N ARG A 510 25.14 7.32 -52.73
CA ARG A 510 24.03 6.59 -52.12
C ARG A 510 24.06 6.72 -50.60
N LEU A 511 25.25 6.84 -50.00
CA LEU A 511 25.33 7.03 -48.56
C LEU A 511 24.87 8.42 -48.15
N SER A 512 25.37 9.46 -48.82
CA SER A 512 24.97 10.82 -48.49
C SER A 512 23.48 11.05 -48.73
N SER A 513 22.88 10.28 -49.65
CA SER A 513 21.45 10.42 -49.90
C SER A 513 20.63 9.74 -48.82
N SER A 514 20.99 8.51 -48.44
CA SER A 514 20.29 7.83 -47.36
C SER A 514 20.60 8.46 -46.01
N GLN A 515 21.80 9.03 -45.85
CA GLN A 515 22.11 9.76 -44.63
C GLN A 515 21.24 11.00 -44.50
N GLY A 516 20.91 11.65 -45.63
CA GLY A 516 20.06 12.82 -45.58
C GLY A 516 18.61 12.47 -45.25
N THR A 517 18.12 11.34 -45.76
CA THR A 517 16.78 10.90 -45.40
C THR A 517 16.66 10.67 -43.91
N ILE A 518 17.75 10.27 -43.26
CA ILE A 518 17.78 10.22 -41.80
C ILE A 518 17.63 11.63 -41.22
N GLU A 519 18.31 12.61 -41.82
CA GLU A 519 18.25 13.98 -41.33
C GLU A 519 16.83 14.54 -41.41
N THR A 520 16.14 14.29 -42.53
CA THR A 520 14.77 14.77 -42.68
C THR A 520 13.83 14.05 -41.71
N SER A 521 13.98 12.73 -41.59
CA SER A 521 13.16 11.97 -40.65
C SER A 521 13.56 12.18 -39.20
N LEU A 522 14.71 12.81 -38.95
CA LEU A 522 15.09 13.19 -37.59
C LEU A 522 14.51 14.55 -37.21
N GLN A 523 14.67 15.56 -38.06
CA GLN A 523 14.09 16.86 -37.79
C GLN A 523 12.57 16.80 -37.72
N ASP A 524 11.95 15.80 -38.33
CA ASP A 524 10.53 15.56 -38.12
C ASP A 524 10.26 15.15 -36.69
N ILE A 525 11.10 14.27 -36.12
CA ILE A 525 10.95 13.89 -34.73
C ILE A 525 11.25 15.06 -33.81
N ASP A 526 12.24 15.89 -34.17
CA ASP A 526 12.47 17.13 -33.44
C ASP A 526 11.25 18.03 -33.51
N SER A 527 10.51 17.98 -34.61
CA SER A 527 9.25 18.70 -34.72
C SER A 527 8.12 18.00 -33.97
N ARG A 528 8.27 16.71 -33.68
CA ARG A 528 7.26 16.01 -32.89
C ARG A 528 7.47 16.20 -31.39
N LEU A 529 8.72 16.32 -30.96
CA LEU A 529 9.05 16.56 -29.57
C LEU A 529 9.04 18.03 -29.20
N SER A 530 8.65 18.90 -30.13
CA SER A 530 8.48 20.32 -29.89
C SER A 530 7.13 20.62 -29.29
N PRO A 531 6.94 21.78 -28.66
CA PRO A 531 5.63 22.12 -28.11
C PRO A 531 4.54 22.08 -29.17
N GLY A 532 3.48 21.34 -28.89
CA GLY A 532 2.36 21.23 -29.81
C GLY A 532 2.63 20.41 -31.05
N GLY A 533 3.62 19.53 -31.03
CA GLY A 533 3.96 18.74 -32.19
C GLY A 533 3.42 17.33 -32.15
N SER A 534 2.12 17.19 -31.91
CA SER A 534 1.44 15.89 -31.87
C SER A 534 2.07 14.93 -30.86
N LEU A 535 2.83 15.47 -29.88
CA LEU A 535 3.34 14.62 -28.81
C LEU A 535 3.66 15.41 -27.55
N ALA A 536 3.20 16.65 -27.41
CA ALA A 536 3.48 17.44 -26.23
C ALA A 536 2.76 16.89 -25.01
N ASP A 537 3.32 17.17 -23.83
CA ASP A 537 2.74 16.76 -22.56
C ASP A 537 1.79 17.81 -21.99
N ALA A 538 1.29 18.72 -22.82
CA ALA A 538 0.41 19.79 -22.36
C ALA A 538 -0.99 19.28 -22.01
N TRP A 539 -1.43 18.19 -22.64
CA TRP A 539 -2.76 17.67 -22.37
C TRP A 539 -2.86 17.09 -20.95
N ALA A 540 -1.75 16.58 -20.42
CA ALA A 540 -1.77 16.03 -19.08
C ALA A 540 -2.06 17.09 -18.03
N HIS A 541 -1.63 18.33 -18.28
CA HIS A 541 -1.92 19.44 -17.40
C HIS A 541 -3.34 19.97 -17.57
N GLN A 542 -4.07 19.53 -18.60
CA GLN A 542 -5.37 20.10 -18.93
C GLN A 542 -6.47 19.06 -19.03
N GLU A 543 -6.31 17.90 -18.40
CA GLU A 543 -7.31 16.83 -18.52
C GLU A 543 -7.81 16.36 -17.15
N GLY A 544 -7.01 15.63 -16.39
CA GLY A 544 -7.48 15.08 -15.13
C GLY A 544 -7.59 16.08 -14.00
N THR A 545 -7.55 15.61 -12.77
CA THR A 545 -7.62 16.45 -11.59
C THR A 545 -6.22 16.91 -11.17
N HIS A 546 -6.19 18.01 -10.42
CA HIS A 546 -4.94 18.61 -9.97
C HIS A 546 -5.09 18.94 -8.48
N PRO A 547 -3.97 19.06 -7.77
CA PRO A 547 -4.03 19.55 -6.38
C PRO A 547 -4.61 20.94 -6.26
N LYS A 548 -4.64 21.72 -7.34
CA LYS A 548 -5.28 23.03 -7.29
C LYS A 548 -6.79 22.90 -7.14
N ASP A 549 -7.38 21.84 -7.71
CA ASP A 549 -8.81 21.62 -7.53
C ASP A 549 -9.15 21.28 -6.08
N ARG A 550 -8.19 20.72 -5.34
CA ARG A 550 -8.34 20.43 -3.92
C ARG A 550 -9.50 19.46 -3.69
N ASN A 551 -9.59 18.44 -4.54
CA ASN A 551 -10.69 17.49 -4.45
C ASN A 551 -10.56 16.55 -3.26
N VAL A 552 -9.33 16.18 -2.89
CA VAL A 552 -9.13 15.30 -1.76
C VAL A 552 -9.55 15.99 -0.46
N GLU A 553 -9.31 17.30 -0.36
CA GLU A 553 -9.68 18.03 0.85
C GLU A 553 -11.16 18.38 0.87
N LYS A 554 -11.76 18.62 -0.29
CA LYS A 554 -13.21 18.83 -0.34
C LYS A 554 -13.96 17.61 0.17
N LEU A 555 -13.46 16.42 -0.15
CA LEU A 555 -14.05 15.20 0.40
C LEU A 555 -13.70 15.04 1.88
N GLN A 556 -12.52 15.53 2.30
CA GLN A 556 -12.10 15.38 3.68
C GLN A 556 -12.88 16.30 4.62
N VAL A 557 -13.44 17.39 4.10
CA VAL A 557 -14.29 18.24 4.93
C VAL A 557 -15.59 17.53 5.28
N LEU A 558 -16.26 16.96 4.27
CA LEU A 558 -17.46 16.19 4.52
C LEU A 558 -17.17 14.95 5.33
N LEU A 559 -15.94 14.43 5.26
CA LEU A 559 -15.58 13.24 6.02
C LEU A 559 -15.49 13.56 7.51
N ASN A 560 -14.92 14.71 7.86
CA ASN A 560 -14.83 15.10 9.27
C ASN A 560 -16.22 15.33 9.86
N CYS A 561 -17.12 15.94 9.10
CA CYS A 561 -18.48 16.15 9.59
C CYS A 561 -19.19 14.82 9.81
N MET A 562 -18.98 13.86 8.90
CA MET A 562 -19.59 12.55 9.07
C MET A 562 -18.96 11.78 10.23
N THR A 563 -17.67 12.00 10.49
CA THR A 563 -17.00 11.32 11.60
C THR A 563 -17.43 11.89 12.94
N GLU A 564 -17.60 13.22 13.02
CA GLU A 564 -18.09 13.82 14.25
C GLU A 564 -19.50 13.35 14.58
N ILE A 565 -20.35 13.25 13.56
CA ILE A 565 -21.69 12.71 13.76
C ILE A 565 -21.60 11.23 14.16
N TYR A 566 -20.64 10.52 13.59
CA TYR A 566 -20.44 9.12 13.96
C TYR A 566 -19.97 9.00 15.41
N TYR A 567 -18.96 9.78 15.79
CA TYR A 567 -18.48 9.76 17.17
C TYR A 567 -19.57 10.19 18.14
N GLN A 568 -20.45 11.10 17.72
CA GLN A 568 -21.55 11.49 18.59
C GLN A 568 -22.58 10.38 18.70
N PHE A 569 -22.89 9.70 17.58
CA PHE A 569 -23.77 8.54 17.64
C PHE A 569 -23.13 7.40 18.42
N LYS A 570 -21.79 7.35 18.44
CA LYS A 570 -21.11 6.37 19.27
C LYS A 570 -21.28 6.69 20.75
N LYS A 571 -21.32 7.98 21.09
CA LYS A 571 -21.62 8.37 22.47
C LYS A 571 -23.11 8.20 22.77
N ASP A 572 -23.97 8.49 21.78
CA ASP A 572 -25.41 8.35 21.98
C ASP A 572 -25.82 6.88 22.17
N LYS A 573 -25.00 5.93 21.74
CA LYS A 573 -25.32 4.52 21.96
C LYS A 573 -24.97 4.07 23.36
N ALA A 574 -23.89 4.61 23.94
CA ALA A 574 -23.56 4.30 25.33
C ALA A 574 -24.69 4.70 26.27
N GLU A 575 -25.19 5.92 26.12
CA GLU A 575 -26.39 6.33 26.82
C GLU A 575 -27.57 5.49 26.35
N ARG A 576 -28.28 4.86 27.29
CA ARG A 576 -29.36 3.96 26.91
C ARG A 576 -30.49 4.71 26.23
N ARG A 577 -30.77 5.93 26.66
CA ARG A 577 -31.82 6.74 26.06
C ARG A 577 -31.42 8.21 26.12
N LEU A 578 -32.03 9.00 25.24
CA LEU A 578 -31.75 10.42 25.14
C LEU A 578 -33.00 11.23 25.51
N ALA A 579 -32.79 12.46 25.97
CA ALA A 579 -33.90 13.34 26.24
C ALA A 579 -34.53 13.80 24.93
N TYR A 580 -35.74 14.36 25.04
CA TYR A 580 -36.46 14.81 23.85
C TYR A 580 -35.65 15.83 23.06
N ASN A 581 -34.90 16.68 23.75
CA ASN A 581 -34.06 17.66 23.06
C ASN A 581 -32.90 16.96 22.34
N GLU A 582 -32.16 16.12 23.05
CA GLU A 582 -31.05 15.40 22.45
C GLU A 582 -31.52 14.38 21.41
N GLU A 583 -32.76 13.91 21.51
CA GLU A 583 -33.28 12.96 20.54
C GLU A 583 -33.40 13.60 19.16
N GLN A 584 -33.88 14.84 19.09
CA GLN A 584 -34.08 15.48 17.79
C GLN A 584 -32.75 15.92 17.19
N ILE A 585 -31.76 16.21 18.01
CA ILE A 585 -30.41 16.48 17.49
C ILE A 585 -29.85 15.21 16.87
N HIS A 586 -30.10 14.06 17.50
CA HIS A 586 -29.65 12.79 16.93
C HIS A 586 -30.35 12.50 15.61
N LYS A 587 -31.63 12.87 15.49
CA LYS A 587 -32.36 12.67 14.25
C LYS A 587 -31.96 13.69 13.20
N PHE A 588 -31.80 14.95 13.60
CA PHE A 588 -31.43 15.99 12.64
C PHE A 588 -30.04 15.75 12.07
N ASP A 589 -29.08 15.38 12.91
CA ASP A 589 -27.74 15.05 12.42
C ASP A 589 -27.72 13.74 11.65
N LYS A 590 -28.69 12.85 11.89
CA LYS A 590 -28.77 11.63 11.10
C LYS A 590 -29.14 11.93 9.65
N GLN A 591 -29.99 12.94 9.44
CA GLN A 591 -30.32 13.36 8.08
C GLN A 591 -29.16 14.11 7.44
N LYS A 592 -28.43 14.89 8.23
CA LYS A 592 -27.24 15.56 7.69
C LYS A 592 -26.16 14.55 7.34
N LEU A 593 -26.17 13.40 8.00
CA LEU A 593 -25.21 12.34 7.66
C LEU A 593 -25.44 11.80 6.26
N TYR A 594 -26.69 11.78 5.80
CA TYR A 594 -26.99 11.33 4.44
C TYR A 594 -26.69 12.41 3.42
N TYR A 595 -27.04 13.66 3.71
CA TYR A 595 -26.75 14.74 2.77
C TYR A 595 -25.25 14.95 2.59
N HIS A 596 -24.46 14.71 3.64
CA HIS A 596 -23.01 14.81 3.51
C HIS A 596 -22.45 13.68 2.65
N ALA A 597 -22.93 12.46 2.87
CA ALA A 597 -22.45 11.33 2.08
C ALA A 597 -22.89 11.45 0.63
N THR A 598 -24.12 11.91 0.39
CA THR A 598 -24.60 12.09 -0.97
C THR A 598 -23.82 13.18 -1.69
N LYS A 599 -23.51 14.29 -0.98
CA LYS A 599 -22.75 15.36 -1.60
C LYS A 599 -21.33 14.92 -1.92
N ALA A 600 -20.77 14.00 -1.13
CA ALA A 600 -19.40 13.53 -1.36
C ALA A 600 -19.34 12.59 -2.56
N MET A 601 -20.25 11.61 -2.61
CA MET A 601 -20.24 10.65 -3.72
C MET A 601 -20.53 11.33 -5.05
N THR A 602 -21.40 12.33 -5.05
CA THR A 602 -21.66 13.09 -6.27
C THR A 602 -20.38 13.79 -6.74
N HIS A 603 -19.70 14.47 -5.82
CA HIS A 603 -18.46 15.14 -6.20
C HIS A 603 -17.34 14.15 -6.51
N PHE A 604 -17.42 12.94 -5.98
CA PHE A 604 -16.39 11.93 -6.25
C PHE A 604 -16.54 11.34 -7.65
N THR A 605 -17.75 10.93 -8.01
CA THR A 605 -17.95 10.30 -9.31
C THR A 605 -18.01 11.34 -10.43
N ASP A 606 -18.77 12.42 -10.22
CA ASP A 606 -18.99 13.41 -11.26
C ASP A 606 -17.83 14.38 -11.43
N GLU A 607 -16.69 14.15 -10.78
CA GLU A 607 -15.56 15.06 -10.90
C GLU A 607 -14.23 14.32 -10.81
N CYS A 608 -14.04 13.53 -9.76
CA CYS A 608 -12.76 12.85 -9.56
C CYS A 608 -12.60 11.69 -10.54
N VAL A 609 -13.64 10.87 -10.68
CA VAL A 609 -13.54 9.69 -11.54
C VAL A 609 -13.65 10.07 -13.01
N LYS A 610 -14.56 10.99 -13.35
CA LYS A 610 -14.72 11.39 -14.75
C LYS A 610 -13.43 12.01 -15.29
N LYS A 611 -12.84 12.94 -14.54
CA LYS A 611 -11.58 13.53 -14.97
C LYS A 611 -10.46 12.51 -15.00
N TYR A 612 -10.51 11.50 -14.11
CA TYR A 612 -9.48 10.47 -14.10
C TYR A 612 -9.61 9.55 -15.32
N GLU A 613 -10.84 9.16 -15.66
CA GLU A 613 -11.02 8.28 -16.81
C GLU A 613 -10.79 9.01 -18.12
N ALA A 614 -11.00 10.33 -18.14
CA ALA A 614 -10.65 11.11 -19.32
C ALA A 614 -9.14 11.24 -19.47
N PHE A 615 -8.44 11.44 -18.35
CA PHE A 615 -6.98 11.48 -18.38
C PHE A 615 -6.41 10.11 -18.72
N LEU A 616 -7.03 9.04 -18.20
CA LEU A 616 -6.54 7.69 -18.48
C LEU A 616 -6.73 7.33 -19.94
N ASN A 617 -7.90 7.63 -20.50
CA ASN A 617 -8.15 7.33 -21.90
C ASN A 617 -7.24 8.13 -22.81
N LYS A 618 -6.97 9.40 -22.46
CA LYS A 618 -6.01 10.19 -23.21
C LYS A 618 -4.59 9.65 -23.03
N SER A 619 -4.30 9.03 -21.88
CA SER A 619 -2.97 8.48 -21.66
C SER A 619 -2.74 7.23 -22.50
N GLU A 620 -3.78 6.42 -22.70
CA GLU A 620 -3.63 5.21 -23.49
C GLU A 620 -3.28 5.52 -24.94
N GLU A 621 -3.77 6.64 -25.46
CA GLU A 621 -3.46 7.03 -26.83
C GLU A 621 -2.04 7.59 -26.94
N TRP A 622 -1.65 8.43 -25.98
CA TRP A 622 -0.32 9.03 -26.02
C TRP A 622 0.78 7.98 -25.84
N ILE A 623 0.47 6.88 -25.16
CA ILE A 623 1.44 5.80 -25.00
C ILE A 623 1.72 5.15 -26.35
N ARG A 624 0.68 4.91 -27.14
CA ARG A 624 0.88 4.33 -28.48
C ARG A 624 1.72 5.26 -29.34
N LYS A 625 1.38 6.54 -29.37
CA LYS A 625 2.15 7.51 -30.15
C LYS A 625 3.58 7.63 -29.65
N MET A 626 3.80 7.43 -28.35
CA MET A 626 5.16 7.45 -27.82
C MET A 626 5.91 6.18 -28.20
N LEU A 627 5.24 5.02 -28.12
CA LEU A 627 5.88 3.78 -28.53
C LEU A 627 6.22 3.78 -30.01
N HIS A 628 5.41 4.46 -30.81
CA HIS A 628 5.69 4.54 -32.25
C HIS A 628 6.91 5.39 -32.53
N LEU A 629 7.06 6.52 -31.83
CA LEU A 629 8.20 7.39 -32.05
C LEU A 629 9.50 6.77 -31.54
N ARG A 630 9.43 5.94 -30.49
CA ARG A 630 10.63 5.30 -30.00
C ARG A 630 11.16 4.26 -30.99
N LYS A 631 10.24 3.58 -31.69
CA LYS A 631 10.67 2.60 -32.68
C LYS A 631 11.29 3.27 -33.90
N GLN A 632 10.82 4.46 -34.26
CA GLN A 632 11.42 5.19 -35.39
C GLN A 632 12.81 5.70 -35.03
N LEU A 633 12.95 6.35 -33.87
CA LEU A 633 14.23 6.90 -33.47
C LEU A 633 15.27 5.79 -33.29
N LEU A 634 14.84 4.63 -32.81
CA LEU A 634 15.76 3.50 -32.68
C LEU A 634 16.20 3.01 -34.05
N SER A 635 15.25 2.89 -34.99
CA SER A 635 15.62 2.48 -36.35
C SER A 635 16.52 3.52 -37.01
N LEU A 636 16.22 4.80 -36.84
CA LEU A 636 17.03 5.85 -37.43
C LEU A 636 18.43 5.88 -36.82
N THR A 637 18.55 5.58 -35.53
CA THR A 637 19.88 5.54 -34.91
C THR A 637 20.64 4.30 -35.33
N ASN A 638 19.95 3.16 -35.47
CA ASN A 638 20.60 1.97 -36.01
C ASN A 638 21.01 2.18 -37.46
N GLN A 639 20.23 2.97 -38.21
CA GLN A 639 20.62 3.35 -39.55
C GLN A 639 21.78 4.33 -39.58
N CYS A 640 22.18 4.87 -38.43
CA CYS A 640 23.38 5.70 -38.34
C CYS A 640 24.61 4.90 -37.90
N PHE A 641 24.42 3.76 -37.23
CA PHE A 641 25.54 2.94 -36.82
C PHE A 641 26.03 2.06 -37.96
N ASP A 642 25.11 1.42 -38.67
CA ASP A 642 25.50 0.51 -39.75
C ASP A 642 26.13 1.26 -40.93
N ILE A 643 25.73 2.52 -41.15
CA ILE A 643 26.39 3.32 -42.17
C ILE A 643 27.62 4.04 -41.63
N GLU A 644 27.74 4.18 -40.30
CA GLU A 644 29.00 4.64 -39.72
C GLU A 644 30.11 3.64 -39.98
N GLU A 645 29.78 2.35 -40.02
CA GLU A 645 30.76 1.32 -40.36
C GLU A 645 30.81 1.05 -41.87
N GLU A 646 29.77 1.41 -42.62
CA GLU A 646 29.85 1.30 -44.07
C GLU A 646 30.81 2.35 -44.65
N VAL A 647 30.88 3.53 -44.04
CA VAL A 647 31.90 4.49 -44.42
C VAL A 647 33.26 4.16 -43.82
N SER A 648 33.32 3.19 -42.90
CA SER A 648 34.60 2.70 -42.41
C SER A 648 35.24 1.70 -43.36
N LYS A 649 34.43 1.03 -44.19
CA LYS A 649 34.97 0.12 -45.20
C LYS A 649 35.53 0.84 -46.41
N TYR A 650 35.15 2.11 -46.61
CA TYR A 650 35.61 2.89 -47.76
C TYR A 650 36.60 3.99 -47.39
N GLN A 651 36.67 4.38 -46.12
CA GLN A 651 37.65 5.39 -45.70
C GLN A 651 39.06 4.84 -45.76
N GLU A 652 39.22 3.52 -45.60
CA GLU A 652 40.52 2.88 -45.65
C GLU A 652 40.76 2.10 -46.93
N TYR A 653 39.74 1.95 -47.79
CA TYR A 653 39.83 1.10 -48.96
C TYR A 653 40.71 1.73 -50.04
N THR A 654 40.14 2.66 -50.80
CA THR A 654 40.85 3.28 -51.92
C THR A 654 41.68 4.47 -51.50
N ASN A 655 41.29 5.17 -50.44
CA ASN A 655 42.07 6.30 -49.94
C ASN A 655 43.51 5.89 -49.60
N GLU A 656 43.74 4.59 -49.37
CA GLU A 656 45.06 4.07 -49.02
C GLU A 656 45.40 2.94 -50.00
N LEU A 657 45.95 3.31 -51.14
CA LEU A 657 46.42 2.35 -52.13
C LEU A 657 47.74 1.75 -51.66
N GLN A 658 48.35 0.92 -52.50
CA GLN A 658 49.61 0.27 -52.17
C GLN A 658 50.63 0.56 -53.25
N GLU A 659 51.81 1.02 -52.84
CA GLU A 659 52.90 1.35 -53.74
C GLU A 659 54.17 1.60 -52.93
N THR A 660 55.31 1.24 -53.50
CA THR A 660 56.60 1.47 -52.86
C THR A 660 57.13 2.87 -53.18
C02 F8P B . -4.21 -1.02 29.82
C04 F8P B . -5.48 0.79 28.81
C06 F8P B . -6.66 2.76 27.77
C07 F8P B . -6.69 4.16 27.41
C08 F8P B . -7.82 4.74 26.73
C09 F8P B . -8.95 3.96 26.40
C10 F8P B . -10.21 4.58 25.66
C11 F8P B . -10.79 3.35 24.88
C12 F8P B . -12.12 3.66 24.16
C13 F8P B . -12.40 5.15 24.06
C16 F8P B . -11.21 6.04 23.69
C17 F8P B . -10.05 5.83 24.69
C18 F8P B . -8.91 2.58 26.76
C19 F8P B . -7.79 1.98 27.45
C20 F8P B . -7.73 0.53 27.84
C22 F8P B . -6.57 -0.06 28.52
C23 F8P B . -6.43 -1.45 28.91
C24 F8P B . -5.29 -1.95 29.55
C25 F8P B . -5.14 -3.45 29.98
F14 F8P B . -13.06 5.64 25.22
F15 F8P B . -13.49 5.39 23.18
N01 F8P B . -3.00 -1.48 30.48
N03 F8P B . -4.31 0.33 29.45
O05 F8P B . -5.56 2.19 28.44
O21 F8P B . -8.72 -0.20 27.57
O26 F8P B . -4.05 -3.88 30.43
O27 F8P B . -6.17 -4.22 29.87
#